data_6M97
#
_entry.id   6M97
#
_cell.length_a   73.850
_cell.length_b   73.850
_cell.length_c   410.580
_cell.angle_alpha   90.00
_cell.angle_beta   90.00
_cell.angle_gamma   120.00
#
_symmetry.space_group_name_H-M   'H 3 2'
#
loop_
_entity.id
_entity.type
_entity.pdbx_description
1 polymer 'Chimera protein of High affinity copper uptake protein 1 and Soluble cytochrome b562'
2 non-polymer 'HEXATANTALUM DODECABROMIDE'
3 non-polymer 'ZINC ION'
#
_entity_poly.entity_id   1
_entity_poly.type   'polypeptide(L)'
_entity_poly.pdbx_seq_one_letter_code
;MTFYFGYTNVELLFASLVINTPGEMVAACFGCFLLAVLYEGLKIGREFLLRRNADLEDNWETLNDNLKVIEKADNAAQVK
DALTKMRAAALDAQKATPPKLEDKSPDSPEMKDFRHGFDILVGQIDDALKLANEGKVKEAQAAAEQLKTTRNAYIQKYLQ
RMLSMAHLLQTVLHVIQVVVSYFLMLVFMTYNAYLCMAVAAGAGLGYFLFSWKKAVVVDITEHCHSNSLEVLFQ
;
_entity_poly.pdbx_strand_id   A
#
# COMPACT_ATOMS: atom_id res chain seq x y z
N MET A 1 26.67 2.98 -33.41
CA MET A 1 27.11 1.67 -32.89
C MET A 1 26.83 1.56 -31.40
N THR A 2 27.65 2.25 -30.62
CA THR A 2 27.87 1.91 -29.24
C THR A 2 28.05 3.20 -28.44
N PHE A 3 27.00 3.60 -27.73
CA PHE A 3 26.87 4.90 -27.10
C PHE A 3 27.24 6.01 -28.10
N TYR A 4 26.25 6.33 -28.93
CA TYR A 4 26.36 7.38 -29.92
C TYR A 4 25.53 8.57 -29.48
N PHE A 5 25.88 9.74 -30.00
CA PHE A 5 25.06 10.93 -29.86
C PHE A 5 24.41 11.20 -31.20
N GLY A 6 23.08 11.08 -31.24
CA GLY A 6 22.33 11.30 -32.47
C GLY A 6 20.85 11.58 -32.33
N TYR A 7 20.32 12.20 -33.37
CA TYR A 7 18.88 12.45 -33.51
C TYR A 7 18.40 12.01 -34.90
N THR A 8 19.10 11.04 -35.48
CA THR A 8 18.88 10.64 -36.88
C THR A 8 18.78 9.13 -37.02
N ASN A 9 17.69 8.69 -37.65
CA ASN A 9 17.40 7.28 -37.91
C ASN A 9 17.34 6.44 -36.63
N VAL A 10 16.88 7.05 -35.54
CA VAL A 10 16.80 6.38 -34.25
C VAL A 10 15.40 5.83 -34.10
N GLU A 11 15.28 4.53 -34.00
CA GLU A 11 13.98 3.87 -33.82
C GLU A 11 13.75 3.68 -32.33
N LEU A 12 12.47 3.75 -31.93
CA LEU A 12 12.11 3.69 -30.51
C LEU A 12 11.00 2.67 -30.29
N LEU A 13 11.39 1.41 -30.10
CA LEU A 13 10.51 0.31 -29.67
C LEU A 13 9.47 -0.17 -30.68
N PHE A 14 8.80 0.76 -31.36
CA PHE A 14 7.73 0.45 -32.30
C PHE A 14 8.08 0.91 -33.72
N ALA A 15 7.66 0.12 -34.71
CA ALA A 15 7.95 0.42 -36.11
C ALA A 15 7.51 1.83 -36.52
N SER A 16 6.38 2.28 -36.00
CA SER A 16 5.88 3.63 -36.28
C SER A 16 6.75 4.74 -35.68
N LEU A 17 7.36 4.48 -34.53
CA LEU A 17 8.16 5.48 -33.83
C LEU A 17 9.61 5.43 -34.32
N VAL A 18 9.98 6.44 -35.09
CA VAL A 18 11.37 6.70 -35.50
C VAL A 18 11.56 8.21 -35.38
N ILE A 19 12.75 8.63 -34.99
CA ILE A 19 13.03 10.07 -34.78
C ILE A 19 14.22 10.54 -35.61
N ASN A 20 13.95 11.49 -36.52
CA ASN A 20 14.92 12.02 -37.48
C ASN A 20 15.20 13.53 -37.34
N THR A 21 14.68 14.16 -36.28
CA THR A 21 14.91 15.60 -36.03
C THR A 21 15.18 15.83 -34.54
N PRO A 22 15.91 16.92 -34.19
CA PRO A 22 16.11 17.23 -32.77
C PRO A 22 14.83 17.44 -31.96
N GLY A 23 13.84 18.11 -32.55
CA GLY A 23 12.53 18.34 -31.91
C GLY A 23 11.77 17.06 -31.61
N GLU A 24 11.94 16.04 -32.45
CA GLU A 24 11.45 14.70 -32.14
C GLU A 24 12.26 14.08 -31.01
N MET A 25 13.57 14.30 -31.00
CA MET A 25 14.44 13.74 -29.95
C MET A 25 14.06 14.21 -28.56
N VAL A 26 13.81 15.51 -28.39
CA VAL A 26 13.38 16.02 -27.07
C VAL A 26 12.09 15.36 -26.61
N ALA A 27 11.13 15.20 -27.54
CA ALA A 27 9.88 14.49 -27.25
C ALA A 27 10.13 13.03 -26.85
N ALA A 28 11.07 12.38 -27.52
CA ALA A 28 11.49 11.03 -27.15
C ALA A 28 12.16 11.00 -25.77
N CYS A 29 13.05 11.96 -25.54
CA CYS A 29 13.74 12.10 -24.26
C CYS A 29 12.78 12.41 -23.10
N PHE A 30 11.77 13.23 -23.36
CA PHE A 30 10.77 13.61 -22.34
C PHE A 30 9.92 12.40 -21.94
N GLY A 31 9.55 11.59 -22.93
CA GLY A 31 8.80 10.36 -22.72
C GLY A 31 9.58 9.28 -22.01
N CYS A 32 10.85 9.13 -22.36
CA CYS A 32 11.72 8.14 -21.70
C CYS A 32 12.11 8.58 -20.29
N PHE A 33 12.20 9.89 -20.06
CA PHE A 33 12.34 10.44 -18.71
C PHE A 33 11.09 10.15 -17.87
N LEU A 34 9.93 10.55 -18.39
CA LEU A 34 8.66 10.32 -17.70
C LEU A 34 8.38 8.84 -17.44
N LEU A 35 8.75 7.97 -18.37
CA LEU A 35 8.59 6.54 -18.15
C LEU A 35 9.51 6.05 -17.01
N ALA A 36 10.72 6.60 -16.94
CA ALA A 36 11.68 6.30 -15.86
C ALA A 36 11.21 6.78 -14.50
N VAL A 37 10.51 7.92 -14.47
CA VAL A 37 9.89 8.43 -13.24
C VAL A 37 8.72 7.52 -12.88
N LEU A 38 7.74 7.45 -13.78
CA LEU A 38 6.56 6.59 -13.61
C LEU A 38 6.91 5.23 -13.02
N TYR A 39 7.99 4.61 -13.49
CA TYR A 39 8.44 3.33 -12.99
C TYR A 39 8.82 3.37 -11.50
N GLU A 40 9.61 4.37 -11.12
CA GLU A 40 10.08 4.49 -9.74
C GLU A 40 8.90 4.73 -8.79
N GLY A 41 7.99 5.61 -9.18
CA GLY A 41 6.75 5.83 -8.43
C GLY A 41 5.86 4.58 -8.37
N LEU A 42 5.91 3.76 -9.41
CA LEU A 42 5.15 2.51 -9.46
C LEU A 42 5.68 1.53 -8.41
N LYS A 43 7.00 1.30 -8.41
CA LYS A 43 7.66 0.40 -7.47
C LYS A 43 7.47 0.82 -6.01
N ILE A 44 7.60 2.13 -5.75
CA ILE A 44 7.46 2.67 -4.39
C ILE A 44 6.00 2.68 -3.96
N GLY A 45 5.12 3.13 -4.85
CA GLY A 45 3.68 3.09 -4.61
C GLY A 45 3.19 1.68 -4.34
N ARG A 46 3.67 0.73 -5.13
CA ARG A 46 3.27 -0.68 -4.98
C ARG A 46 3.71 -1.28 -3.64
N GLU A 47 4.84 -0.81 -3.12
CA GLU A 47 5.33 -1.20 -1.78
C GLU A 47 4.46 -0.60 -0.67
N PHE A 48 4.23 0.71 -0.75
CA PHE A 48 3.41 1.45 0.24
C PHE A 48 2.03 0.81 0.44
N LEU A 49 1.37 0.44 -0.65
CA LEU A 49 0.09 -0.29 -0.59
C LEU A 49 0.24 -1.71 0.00
N LEU A 50 1.36 -2.37 -0.28
CA LEU A 50 1.66 -3.69 0.32
C LEU A 50 1.91 -3.61 1.83
N ARG A 51 2.59 -2.56 2.30
CA ARG A 51 2.83 -2.39 3.75
C ARG A 51 1.54 -2.07 4.49
N ARG A 52 0.75 -1.16 3.95
CA ARG A 52 -0.60 -0.86 4.45
C ARG A 52 -1.46 -2.13 4.63
N ASN A 53 -1.26 -3.12 3.78
CA ASN A 53 -1.82 -4.46 4.00
C ASN A 53 -0.77 -5.34 4.70
N ASP A 55 -0.23 -5.20 8.22
CA ASP A 55 -0.64 -4.07 9.02
C ASP A 55 -2.14 -4.14 9.35
N LEU A 56 -2.99 -4.13 8.32
CA LEU A 56 -4.42 -4.49 8.49
C LEU A 56 -4.52 -5.98 8.77
N GLU A 57 -3.87 -6.76 7.92
CA GLU A 57 -3.80 -8.21 8.11
C GLU A 57 -3.32 -8.56 9.52
N ASP A 58 -2.33 -7.81 10.03
CA ASP A 58 -1.86 -8.00 11.41
C ASP A 58 -2.98 -7.68 12.40
N ASN A 59 -3.46 -6.43 12.40
CA ASN A 59 -4.54 -6.00 13.30
C ASN A 59 -5.73 -6.94 13.28
N TRP A 60 -6.13 -7.37 12.09
CA TRP A 60 -7.24 -8.29 11.94
C TRP A 60 -6.95 -9.62 12.62
N GLU A 61 -5.71 -10.12 12.48
CA GLU A 61 -5.32 -11.36 13.16
C GLU A 61 -5.09 -11.14 14.66
N THR A 62 -4.57 -9.97 15.04
CA THR A 62 -4.39 -9.61 16.45
C THR A 62 -5.72 -9.66 17.25
N LEU A 63 -6.78 -9.12 16.67
CA LEU A 63 -8.10 -9.15 17.29
C LEU A 63 -8.59 -10.58 17.47
N ASN A 64 -8.64 -11.32 16.37
CA ASN A 64 -9.18 -12.68 16.36
C ASN A 64 -8.30 -13.67 17.14
N ASP A 65 -6.98 -13.48 17.12
CA ASP A 65 -6.08 -14.29 17.94
C ASP A 65 -6.30 -14.02 19.44
N ASN A 66 -6.50 -12.75 19.81
CA ASN A 66 -6.73 -12.40 21.22
C ASN A 66 -8.07 -12.86 21.79
N LEU A 67 -9.10 -12.92 20.95
CA LEU A 67 -10.40 -13.45 21.38
C LEU A 67 -10.30 -14.92 21.81
N LYS A 68 -9.58 -15.73 21.03
CA LYS A 68 -9.35 -17.13 21.42
C LYS A 68 -8.41 -17.22 22.63
N VAL A 69 -7.46 -16.29 22.75
CA VAL A 69 -6.57 -16.21 23.92
C VAL A 69 -7.35 -15.97 25.21
N ILE A 70 -8.37 -15.11 25.13
CA ILE A 70 -9.25 -14.81 26.27
C ILE A 70 -10.23 -15.96 26.56
N GLU A 71 -10.83 -16.53 25.52
CA GLU A 71 -11.87 -17.54 25.66
C GLU A 71 -11.27 -18.93 25.86
N ALA A 76 -7.39 -16.68 36.32
CA ALA A 76 -6.97 -16.47 34.94
C ALA A 76 -7.18 -15.01 34.54
N ALA A 77 -6.54 -14.10 35.30
CA ALA A 77 -6.67 -12.65 35.09
C ALA A 77 -5.57 -12.07 34.17
N GLN A 78 -5.28 -12.76 33.07
CA GLN A 78 -4.33 -12.32 32.04
C GLN A 78 -5.08 -11.71 30.86
N VAL A 79 -6.41 -11.67 30.97
CA VAL A 79 -7.31 -11.22 29.91
C VAL A 79 -7.11 -9.73 29.62
N LYS A 80 -6.93 -8.93 30.68
CA LYS A 80 -6.70 -7.49 30.55
C LYS A 80 -5.58 -7.11 29.57
N ASP A 81 -4.46 -7.84 29.61
CA ASP A 81 -3.35 -7.62 28.67
C ASP A 81 -3.70 -8.01 27.23
N ALA A 82 -4.51 -9.06 27.07
CA ALA A 82 -5.02 -9.46 25.75
C ALA A 82 -5.96 -8.41 25.15
N LEU A 83 -6.84 -7.84 25.98
CA LEU A 83 -7.77 -6.80 25.53
C LEU A 83 -7.11 -5.44 25.26
N THR A 84 -6.01 -5.14 25.95
CA THR A 84 -5.26 -3.90 25.71
C THR A 84 -4.49 -3.96 24.39
N LYS A 85 -4.06 -5.18 24.04
CA LYS A 85 -3.54 -5.49 22.71
C LYS A 85 -4.62 -5.37 21.64
N MET A 86 -5.83 -5.83 21.95
CA MET A 86 -6.99 -5.67 21.04
C MET A 86 -7.38 -4.22 20.79
N ARG A 87 -7.36 -3.40 21.84
CA ARG A 87 -7.73 -1.99 21.74
C ARG A 87 -6.81 -1.23 20.78
N ALA A 88 -5.50 -1.41 20.98
CA ALA A 88 -4.48 -0.84 20.11
C ALA A 88 -4.72 -1.25 18.66
N ALA A 89 -4.85 -2.55 18.45
CA ALA A 89 -5.13 -3.13 17.12
C ALA A 89 -6.45 -2.61 16.51
N ALA A 90 -7.47 -2.40 17.33
CA ALA A 90 -8.75 -1.87 16.87
C ALA A 90 -8.66 -0.43 16.34
N LEU A 91 -7.80 0.39 16.96
CA LEU A 91 -7.67 1.81 16.60
C LEU A 91 -6.85 2.05 15.33
N ASP A 92 -5.74 1.33 15.14
CA ASP A 92 -4.96 1.41 13.89
C ASP A 92 -5.79 0.83 12.73
N ALA A 93 -6.59 -0.21 13.01
CA ALA A 93 -7.50 -0.81 12.01
C ALA A 93 -8.60 0.14 11.55
N GLN A 94 -9.05 1.02 12.45
CA GLN A 94 -10.09 2.01 12.15
C GLN A 94 -9.60 3.14 11.22
N LYS A 95 -8.32 3.51 11.35
CA LYS A 95 -7.70 4.52 10.48
C LYS A 95 -7.70 4.12 9.00
N ALA A 96 -7.63 2.81 8.74
CA ALA A 96 -7.53 2.26 7.39
C ALA A 96 -8.58 2.78 6.41
N THR A 97 -8.20 2.81 5.14
CA THR A 97 -9.03 3.35 4.06
C THR A 97 -8.61 2.74 2.70
N PRO A 98 -9.57 2.49 1.78
CA PRO A 98 -9.20 1.91 0.48
C PRO A 98 -8.44 2.92 -0.41
N PRO A 99 -7.53 2.43 -1.28
CA PRO A 99 -6.72 3.35 -2.08
C PRO A 99 -7.56 4.10 -3.13
N LYS A 100 -7.21 5.36 -3.38
CA LYS A 100 -7.91 6.21 -4.36
C LYS A 100 -7.95 5.62 -5.77
N SER A 108 -17.56 6.00 0.56
CA SER A 108 -17.60 6.62 1.88
C SER A 108 -18.77 6.18 2.79
N PRO A 109 -19.90 5.68 2.22
CA PRO A 109 -20.96 5.13 3.08
C PRO A 109 -20.62 3.80 3.77
N GLU A 110 -19.85 2.97 3.08
CA GLU A 110 -19.36 1.69 3.62
C GLU A 110 -18.30 1.95 4.68
N MET A 111 -17.47 2.98 4.43
CA MET A 111 -16.44 3.43 5.37
C MET A 111 -17.03 3.96 6.67
N LYS A 112 -17.96 4.90 6.56
CA LYS A 112 -18.64 5.45 7.75
C LYS A 112 -19.30 4.36 8.60
N ASP A 113 -19.83 3.33 7.92
CA ASP A 113 -20.37 2.14 8.58
C ASP A 113 -19.26 1.30 9.25
N PHE A 114 -18.17 1.08 8.50
CA PHE A 114 -16.99 0.34 8.99
C PHE A 114 -16.31 1.02 10.19
N ARG A 115 -16.05 2.33 10.07
CA ARG A 115 -15.45 3.13 11.15
C ARG A 115 -16.30 3.13 12.42
N HIS A 116 -17.61 3.28 12.25
CA HIS A 116 -18.53 3.37 13.39
C HIS A 116 -18.72 2.02 14.11
N GLY A 117 -18.56 0.92 13.40
CA GLY A 117 -18.48 -0.40 14.05
C GLY A 117 -17.28 -0.49 15.00
N PHE A 118 -16.15 0.05 14.57
CA PHE A 118 -14.92 0.00 15.38
C PHE A 118 -15.00 0.80 16.66
N ASP A 119 -15.72 1.94 16.64
CA ASP A 119 -16.01 2.69 17.87
C ASP A 119 -16.70 1.79 18.89
N ILE A 120 -17.71 1.05 18.44
CA ILE A 120 -18.48 0.15 19.30
C ILE A 120 -17.56 -0.94 19.88
N LEU A 121 -16.69 -1.50 19.02
CA LEU A 121 -15.63 -2.44 19.45
C LEU A 121 -14.77 -1.89 20.59
N VAL A 122 -14.21 -0.70 20.39
CA VAL A 122 -13.26 -0.10 21.36
C VAL A 122 -13.97 0.21 22.68
N GLY A 123 -15.22 0.67 22.60
CA GLY A 123 -16.04 0.92 23.80
C GLY A 123 -16.34 -0.35 24.58
N GLN A 124 -16.80 -1.39 23.90
CA GLN A 124 -17.01 -2.70 24.51
C GLN A 124 -15.73 -3.26 25.18
N ILE A 125 -14.59 -3.03 24.55
CA ILE A 125 -13.29 -3.44 25.09
C ILE A 125 -13.00 -2.74 26.41
N ASP A 126 -13.22 -1.43 26.46
CA ASP A 126 -13.03 -0.64 27.68
C ASP A 126 -13.89 -1.14 28.85
N ASP A 127 -15.14 -1.50 28.55
CA ASP A 127 -16.05 -2.08 29.55
C ASP A 127 -15.56 -3.43 30.07
N ALA A 128 -15.02 -4.27 29.19
CA ALA A 128 -14.42 -5.55 29.61
C ALA A 128 -13.13 -5.36 30.43
N LEU A 129 -12.40 -4.28 30.17
CA LEU A 129 -11.22 -3.90 30.98
C LEU A 129 -11.64 -3.40 32.36
N LYS A 130 -12.70 -2.59 32.40
CA LYS A 130 -13.25 -2.05 33.65
C LYS A 130 -13.64 -3.13 34.67
N LEU A 131 -14.06 -4.29 34.19
CA LEU A 131 -14.29 -5.46 35.02
C LEU A 131 -12.97 -6.08 35.51
N ALA A 132 -12.00 -6.20 34.60
CA ALA A 132 -10.67 -6.76 34.91
C ALA A 132 -9.86 -5.90 35.89
N ASN A 133 -10.00 -4.57 35.80
CA ASN A 133 -9.35 -3.65 36.75
C ASN A 133 -9.92 -3.74 38.17
N GLU A 134 -11.26 -3.85 38.27
CA GLU A 134 -11.93 -4.13 39.54
C GLU A 134 -11.57 -5.51 40.11
N GLY A 135 -11.27 -6.46 39.21
CA GLY A 135 -10.86 -7.83 39.57
C GLY A 135 -11.77 -8.93 39.04
N LYS A 136 -12.92 -8.55 38.48
CA LYS A 136 -13.93 -9.50 38.03
C LYS A 136 -13.47 -10.21 36.75
N VAL A 137 -13.43 -11.54 36.79
CA VAL A 137 -12.79 -12.34 35.74
C VAL A 137 -13.80 -12.95 34.77
N LYS A 138 -14.65 -13.84 35.28
CA LYS A 138 -15.65 -14.56 34.46
C LYS A 138 -16.60 -13.65 33.67
N GLU A 139 -16.93 -12.49 34.25
CA GLU A 139 -17.82 -11.53 33.62
C GLU A 139 -17.12 -10.81 32.46
N ALA A 140 -15.84 -10.48 32.65
CA ALA A 140 -15.00 -9.93 31.58
C ALA A 140 -14.82 -10.90 30.40
N GLN A 141 -14.88 -12.20 30.66
CA GLN A 141 -14.86 -13.22 29.61
C GLN A 141 -16.19 -13.27 28.84
N ALA A 142 -17.30 -13.12 29.55
CA ALA A 142 -18.62 -13.09 28.94
C ALA A 142 -18.84 -11.89 28.01
N ALA A 143 -18.30 -10.72 28.39
CA ALA A 143 -18.37 -9.52 27.55
C ALA A 143 -17.57 -9.68 26.25
N ALA A 144 -16.38 -10.28 26.34
CA ALA A 144 -15.55 -10.56 25.16
C ALA A 144 -16.23 -11.47 24.15
N GLU A 145 -17.06 -12.42 24.62
CA GLU A 145 -17.82 -13.28 23.71
C GLU A 145 -18.87 -12.48 22.91
N GLN A 146 -19.37 -11.38 23.47
CA GLN A 146 -20.28 -10.49 22.75
C GLN A 146 -19.54 -9.64 21.70
N LEU A 147 -18.26 -9.35 21.92
CA LEU A 147 -17.41 -8.60 20.96
C LEU A 147 -17.40 -9.18 19.55
N LYS A 148 -17.42 -10.50 19.44
CA LYS A 148 -17.37 -11.16 18.12
C LYS A 148 -18.70 -11.06 17.35
N THR A 149 -19.79 -10.69 18.02
CA THR A 149 -21.05 -10.32 17.37
C THR A 149 -20.92 -9.01 16.59
N THR A 150 -20.15 -8.08 17.17
CA THR A 150 -20.00 -6.74 16.62
C THR A 150 -19.10 -6.70 15.38
N ARG A 151 -17.95 -7.37 15.44
CA ARG A 151 -17.07 -7.48 14.27
C ARG A 151 -17.74 -8.16 13.07
N ASN A 152 -18.57 -9.17 13.33
CA ASN A 152 -19.34 -9.81 12.27
C ASN A 152 -20.32 -8.82 11.66
N ALA A 153 -20.99 -8.05 12.52
CA ALA A 153 -21.98 -7.06 12.09
C ALA A 153 -21.41 -6.01 11.15
N TYR A 154 -20.28 -5.41 11.52
CA TYR A 154 -19.71 -4.26 10.80
C TYR A 154 -18.43 -4.56 10.05
N ILE A 155 -17.41 -5.00 10.77
CA ILE A 155 -16.04 -5.04 10.27
C ILE A 155 -15.77 -6.22 9.32
N GLN A 156 -16.05 -7.45 9.77
CA GLN A 156 -15.61 -8.69 9.09
C GLN A 156 -15.67 -8.64 7.58
N LYS A 157 -16.87 -8.51 7.02
CA LYS A 157 -17.07 -8.55 5.56
C LYS A 157 -16.33 -7.43 4.81
N TYR A 158 -16.18 -6.26 5.43
CA TYR A 158 -15.54 -5.11 4.79
C TYR A 158 -14.13 -4.92 5.32
N GLN A 160 -11.68 -7.22 4.72
CA GLN A 160 -11.77 -8.47 3.96
C GLN A 160 -12.07 -8.18 2.49
N ARG A 161 -13.01 -7.27 2.22
CA ARG A 161 -13.16 -6.70 0.87
C ARG A 161 -11.99 -5.75 0.61
N MET A 162 -11.69 -4.90 1.60
CA MET A 162 -10.53 -3.99 1.58
C MET A 162 -9.21 -4.69 1.29
N LEU A 163 -9.07 -5.90 1.83
CA LEU A 163 -7.87 -6.72 1.69
C LEU A 163 -7.80 -7.37 0.31
N SER A 164 -8.93 -7.90 -0.16
CA SER A 164 -8.99 -8.52 -1.49
C SER A 164 -8.80 -7.50 -2.60
N MET A 165 -9.42 -6.32 -2.48
CA MET A 165 -9.19 -5.22 -3.42
C MET A 165 -7.72 -4.84 -3.53
N ALA A 166 -7.07 -4.72 -2.38
CA ALA A 166 -5.65 -4.36 -2.31
C ALA A 166 -4.75 -5.37 -3.01
N HIS A 167 -4.99 -6.67 -2.77
CA HIS A 167 -4.17 -7.72 -3.41
C HIS A 167 -4.30 -7.69 -4.94
N LEU A 168 -5.51 -7.57 -5.46
CA LEU A 168 -5.72 -7.50 -6.92
C LEU A 168 -5.08 -6.26 -7.53
N LEU A 169 -5.34 -5.10 -6.93
CA LEU A 169 -4.73 -3.84 -7.37
C LEU A 169 -3.22 -3.99 -7.48
N GLN A 170 -2.63 -4.66 -6.49
CA GLN A 170 -1.18 -4.85 -6.43
C GLN A 170 -0.67 -5.83 -7.49
N THR A 171 -1.45 -6.86 -7.80
CA THR A 171 -1.17 -7.75 -8.94
C THR A 171 -1.20 -6.99 -10.27
N VAL A 172 -2.25 -6.19 -10.46
CA VAL A 172 -2.39 -5.35 -11.64
C VAL A 172 -1.19 -4.40 -11.80
N LEU A 173 -0.78 -3.76 -10.71
CA LEU A 173 0.39 -2.87 -10.74
C LEU A 173 1.72 -3.59 -11.02
N HIS A 174 1.92 -4.77 -10.44
CA HIS A 174 3.15 -5.54 -10.66
C HIS A 174 3.35 -5.88 -12.14
N VAL A 175 2.27 -6.23 -12.84
CA VAL A 175 2.33 -6.52 -14.28
C VAL A 175 2.83 -5.28 -15.00
N ILE A 176 2.17 -4.15 -14.76
CA ILE A 176 2.52 -2.90 -15.41
C ILE A 176 3.94 -2.50 -15.06
N GLN A 177 4.35 -2.74 -13.82
CA GLN A 177 5.74 -2.50 -13.39
C GLN A 177 6.74 -3.32 -14.21
N VAL A 178 6.40 -4.57 -14.52
CA VAL A 178 7.25 -5.46 -15.32
C VAL A 178 7.33 -5.03 -16.79
N VAL A 179 6.20 -4.65 -17.37
CA VAL A 179 6.19 -4.17 -18.75
C VAL A 179 7.11 -2.96 -18.87
N VAL A 180 6.90 -1.97 -18.01
CA VAL A 180 7.67 -0.72 -18.04
C VAL A 180 9.18 -0.97 -17.89
N SER A 181 9.56 -1.93 -17.06
CA SER A 181 10.97 -2.23 -16.84
C SER A 181 11.62 -2.68 -18.12
N TYR A 182 10.97 -3.65 -18.79
CA TYR A 182 11.45 -4.15 -20.07
C TYR A 182 11.49 -3.05 -21.11
N PHE A 183 10.46 -2.21 -21.12
CA PHE A 183 10.39 -1.09 -22.04
C PHE A 183 11.55 -0.12 -21.83
N LEU A 184 11.89 0.17 -20.58
CA LEU A 184 13.06 1.01 -20.27
C LEU A 184 14.40 0.35 -20.61
N MET A 185 14.47 -0.97 -20.52
CA MET A 185 15.62 -1.76 -20.98
C MET A 185 15.79 -1.61 -22.51
N LEU A 186 14.68 -1.74 -23.22
CA LEU A 186 14.67 -1.62 -24.68
C LEU A 186 15.09 -0.22 -25.17
N VAL A 187 14.68 0.85 -24.47
CA VAL A 187 15.12 2.20 -24.87
C VAL A 187 16.61 2.43 -24.53
N PHE A 188 17.09 1.79 -23.46
CA PHE A 188 18.50 1.93 -23.07
C PHE A 188 19.38 1.15 -24.02
N MET A 189 18.89 -0.03 -24.40
CA MET A 189 19.51 -0.88 -25.42
C MET A 189 19.70 -0.23 -26.80
N THR A 190 18.95 0.84 -27.11
CA THR A 190 19.16 1.61 -28.34
C THR A 190 20.57 2.18 -28.44
N TYR A 191 21.23 2.35 -27.29
CA TYR A 191 22.58 2.89 -27.18
C TYR A 191 22.66 4.38 -27.55
N ASN A 192 21.52 5.07 -27.60
CA ASN A 192 21.49 6.50 -27.86
C ASN A 192 21.74 7.19 -26.53
N ALA A 193 22.87 7.87 -26.42
CA ALA A 193 23.27 8.51 -25.14
C ALA A 193 22.25 9.53 -24.61
N TYR A 194 21.50 10.21 -25.49
CA TYR A 194 20.43 11.12 -25.06
C TYR A 194 19.24 10.41 -24.40
N LEU A 195 18.80 9.29 -24.97
CA LEU A 195 17.76 8.47 -24.35
C LEU A 195 18.23 7.81 -23.07
N CYS A 196 19.43 7.22 -23.11
CA CYS A 196 20.01 6.57 -21.94
C CYS A 196 20.08 7.51 -20.76
N MET A 197 20.60 8.71 -21.01
CA MET A 197 20.67 9.75 -19.98
C MET A 197 19.28 10.16 -19.49
N ALA A 198 18.33 10.30 -20.40
CA ALA A 198 16.95 10.62 -20.03
C ALA A 198 16.33 9.61 -19.07
N VAL A 199 16.62 8.33 -19.29
CA VAL A 199 16.17 7.27 -18.39
C VAL A 199 16.87 7.39 -17.05
N ALA A 200 18.21 7.44 -17.09
CA ALA A 200 19.02 7.53 -15.88
C ALA A 200 18.60 8.71 -15.01
N ALA A 201 18.44 9.88 -15.63
CA ALA A 201 17.99 11.07 -14.92
C ALA A 201 16.56 10.92 -14.40
N GLY A 202 15.70 10.30 -15.21
CA GLY A 202 14.34 10.00 -14.79
C GLY A 202 14.23 9.00 -13.66
N ALA A 203 15.18 8.07 -13.57
CA ALA A 203 15.25 7.13 -12.45
C ALA A 203 15.69 7.86 -11.19
N GLY A 204 16.68 8.74 -11.32
CA GLY A 204 17.20 9.50 -10.18
C GLY A 204 16.15 10.38 -9.54
N LEU A 205 15.57 11.26 -10.35
CA LEU A 205 14.61 12.26 -9.87
C LEU A 205 13.26 11.65 -9.52
N GLY A 206 12.80 10.71 -10.34
CA GLY A 206 11.56 9.96 -10.07
C GLY A 206 11.55 9.25 -8.72
N TYR A 207 12.67 8.60 -8.40
CA TYR A 207 12.85 7.97 -7.09
C TYR A 207 12.81 9.02 -6.01
N PHE A 208 13.61 10.07 -6.16
CA PHE A 208 13.68 11.15 -5.15
C PHE A 208 12.31 11.71 -4.78
N LEU A 209 11.45 11.93 -5.77
CA LEU A 209 10.13 12.52 -5.54
C LEU A 209 9.18 11.57 -4.82
N PHE A 210 8.98 10.36 -5.34
CA PHE A 210 8.07 9.43 -4.68
C PHE A 210 8.65 8.86 -3.37
N SER A 211 9.97 8.96 -3.19
CA SER A 211 10.61 8.78 -1.89
C SER A 211 10.18 9.88 -0.92
N TRP A 212 10.19 11.13 -1.40
CA TRP A 212 9.76 12.31 -0.63
C TRP A 212 8.26 12.27 -0.24
N LYS A 213 7.39 11.76 -1.12
CA LYS A 213 5.93 11.66 -0.83
C LYS A 213 5.59 10.61 0.22
N LYS A 214 6.34 9.52 0.28
CA LYS A 214 6.17 8.54 1.37
C LYS A 214 6.65 9.13 2.71
N ALA A 215 7.64 10.01 2.66
CA ALA A 215 8.08 10.77 3.85
C ALA A 215 7.06 11.86 4.28
N VAL A 216 6.27 12.35 3.32
CA VAL A 216 5.11 13.23 3.62
C VAL A 216 4.01 12.48 4.37
N VAL A 217 3.73 11.24 3.95
CA VAL A 217 2.82 10.34 4.68
C VAL A 217 3.60 9.80 5.91
N VAL A 218 2.88 9.40 6.97
CA VAL A 218 3.51 8.91 8.22
C VAL A 218 4.62 7.84 8.02
N ASP A 219 5.68 7.90 8.84
CA ASP A 219 6.85 7.01 8.73
C ASP A 219 7.17 6.26 10.03
N ILE A 220 6.79 4.98 10.08
CA ILE A 220 7.11 4.06 11.17
C ILE A 220 7.54 2.72 10.53
N THR A 221 8.42 1.99 11.23
CA THR A 221 8.86 0.63 10.83
C THR A 221 9.42 0.59 9.41
#